data_1M7E
#
_entry.id   1M7E
#
_cell.length_a   127.258
_cell.length_b   127.258
_cell.length_c   269.541
_cell.angle_alpha   90
_cell.angle_beta   90
_cell.angle_gamma   120
#
_symmetry.space_group_name_H-M   'H 3 2'
#
loop_
_entity.id
_entity.type
_entity.pdbx_description
1 polymer 'Disabled homolog 2'
2 polymer 'NGYENPTYK peptide'
3 water water
#
loop_
_entity_poly.entity_id
_entity_poly.type
_entity_poly.pdbx_seq_one_letter_code
_entity_poly.pdbx_strand_id
1 'polypeptide(L)'
;MEKTDEYLLARFKGDGVKYKAKLIGIDDVPDARGDKMSQDSMMKLKGMAAAGRSQGQHKQRIWVNISLSGIKIIDEKTGV
IEHEHPVNKISFIARDVTDNRAFGYVCGGEGQHQFFAIKTGQQAEPLVVDLKDLFQVIYNVKKKEEDKKKVEEANKAEEN
;
A,B,C
2 'polypeptide(L)' NGYENPTYK D,E,F
#
# COMPACT_ATOMS: atom_id res chain seq x y z
N MET A 1 8.00 22.60 31.00
CA MET A 1 9.36 22.41 31.57
C MET A 1 9.87 21.00 31.30
N GLU A 2 9.70 20.09 32.27
CA GLU A 2 10.13 18.71 32.11
C GLU A 2 9.08 17.77 32.67
N LYS A 3 8.54 16.91 31.81
CA LYS A 3 7.51 15.97 32.23
C LYS A 3 8.15 14.79 32.95
N THR A 4 8.28 14.95 34.27
CA THR A 4 8.87 13.98 35.17
C THR A 4 7.92 12.82 35.40
N ASP A 5 8.45 11.69 35.85
CA ASP A 5 7.61 10.54 36.11
C ASP A 5 6.46 10.92 37.03
N GLU A 6 6.77 11.73 38.03
CA GLU A 6 5.75 12.18 38.98
C GLU A 6 4.65 12.96 38.29
N TYR A 7 5.04 13.91 37.44
CA TYR A 7 4.05 14.70 36.72
C TYR A 7 3.20 13.76 35.88
N LEU A 8 3.86 12.89 35.12
CA LEU A 8 3.16 11.94 34.26
C LEU A 8 2.24 11.03 35.06
N LEU A 9 2.67 10.58 36.22
CA LEU A 9 1.85 9.72 37.04
C LEU A 9 0.57 10.45 37.45
N ALA A 10 0.74 11.68 37.92
CA ALA A 10 -0.39 12.47 38.36
C ALA A 10 -1.35 12.77 37.20
N ARG A 11 -0.81 12.82 35.99
CA ARG A 11 -1.62 13.12 34.81
C ARG A 11 -2.47 11.94 34.35
N PHE A 12 -1.90 10.75 34.35
CA PHE A 12 -2.61 9.56 33.90
C PHE A 12 -3.25 8.75 35.02
N LYS A 13 -3.16 9.24 36.24
CA LYS A 13 -3.72 8.56 37.40
C LYS A 13 -5.24 8.73 37.37
N GLY A 14 -5.96 7.68 37.74
CA GLY A 14 -7.41 7.73 37.78
C GLY A 14 -8.09 7.89 36.44
N ASP A 15 -8.87 8.96 36.29
CA ASP A 15 -9.58 9.20 35.05
C ASP A 15 -8.62 9.67 33.95
N GLY A 16 -7.44 10.12 34.36
CA GLY A 16 -6.46 10.59 33.38
C GLY A 16 -6.94 11.74 32.53
N VAL A 17 -6.48 11.77 31.28
CA VAL A 17 -6.84 12.82 30.34
C VAL A 17 -7.93 12.33 29.39
N LYS A 18 -8.67 13.26 28.81
CA LYS A 18 -9.79 12.91 27.94
C LYS A 18 -9.86 13.78 26.69
N TYR A 19 -10.10 13.17 25.53
CA TYR A 19 -10.18 13.90 24.27
C TYR A 19 -11.45 13.61 23.47
N LYS A 20 -11.98 14.65 22.84
CA LYS A 20 -13.18 14.52 22.03
C LYS A 20 -12.74 14.02 20.66
N ALA A 21 -13.45 13.05 20.10
CA ALA A 21 -13.08 12.53 18.79
C ALA A 21 -14.19 11.70 18.18
N LYS A 22 -13.88 11.05 17.06
CA LYS A 22 -14.83 10.19 16.37
C LYS A 22 -14.15 8.89 16.00
N LEU A 23 -14.92 7.81 16.00
CA LEU A 23 -14.34 6.50 15.65
C LEU A 23 -14.44 6.29 14.15
N ILE A 24 -13.32 6.37 13.46
CA ILE A 24 -13.30 6.18 12.02
C ILE A 24 -13.65 4.74 11.69
N GLY A 25 -13.12 3.81 12.47
CA GLY A 25 -13.40 2.42 12.22
C GLY A 25 -12.45 1.44 12.90
N ILE A 26 -12.77 0.15 12.75
CA ILE A 26 -11.96 -0.90 13.32
C ILE A 26 -11.63 -1.89 12.23
N ASP A 27 -10.40 -2.38 12.21
CA ASP A 27 -9.96 -3.30 11.17
C ASP A 27 -9.05 -4.38 11.73
N ASP A 28 -9.27 -5.62 11.31
CA ASP A 28 -8.43 -6.71 11.75
C ASP A 28 -7.11 -6.56 11.01
N VAL A 29 -6.02 -6.70 11.76
CA VAL A 29 -4.69 -6.52 11.21
C VAL A 29 -3.80 -7.74 11.46
N PRO A 30 -2.90 -8.05 10.52
CA PRO A 30 -1.99 -9.20 10.61
C PRO A 30 -0.83 -9.12 11.62
N ASP A 31 -0.39 -7.93 11.99
CA ASP A 31 0.71 -7.82 12.94
C ASP A 31 0.52 -6.78 14.03
N ALA A 32 1.41 -6.80 15.02
CA ALA A 32 1.35 -5.87 16.14
C ALA A 32 1.90 -4.49 15.85
N ARG A 33 2.74 -4.40 14.82
CA ARG A 33 3.37 -3.12 14.49
C ARG A 33 3.44 -2.88 13.00
N GLY A 34 3.84 -1.66 12.61
CA GLY A 34 3.98 -1.37 11.20
C GLY A 34 3.35 -0.10 10.67
N ASP A 35 4.19 0.79 10.16
CA ASP A 35 3.71 2.04 9.60
C ASP A 35 2.87 1.79 8.36
N LYS A 36 3.40 1.00 7.44
CA LYS A 36 2.71 0.68 6.19
C LYS A 36 1.41 -0.05 6.47
N MET A 37 1.49 -1.06 7.34
CA MET A 37 0.31 -1.83 7.69
C MET A 37 -0.75 -0.91 8.27
N SER A 38 -0.33 0.00 9.15
CA SER A 38 -1.25 0.93 9.77
C SER A 38 -1.84 1.89 8.76
N GLN A 39 -1.02 2.34 7.82
CA GLN A 39 -1.49 3.27 6.81
C GLN A 39 -2.57 2.62 5.96
N ASP A 40 -2.30 1.39 5.51
CA ASP A 40 -3.28 0.66 4.69
C ASP A 40 -4.63 0.57 5.39
N SER A 41 -4.64 0.25 6.69
CA SER A 41 -5.90 0.17 7.42
C SER A 41 -6.60 1.52 7.50
N MET A 42 -5.85 2.54 7.92
CA MET A 42 -6.41 3.88 8.03
C MET A 42 -7.05 4.26 6.70
N MET A 43 -6.31 4.06 5.61
CA MET A 43 -6.81 4.40 4.28
C MET A 43 -8.09 3.65 3.94
N LYS A 44 -8.11 2.35 4.19
CA LYS A 44 -9.31 1.55 3.90
C LYS A 44 -10.49 2.04 4.74
N LEU A 45 -10.23 2.27 6.02
CA LEU A 45 -11.27 2.73 6.93
C LEU A 45 -11.79 4.13 6.54
N LYS A 46 -10.88 5.02 6.14
CA LYS A 46 -11.33 6.36 5.77
C LYS A 46 -12.12 6.26 4.46
N GLY A 47 -11.76 5.27 3.65
CA GLY A 47 -12.47 5.09 2.40
C GLY A 47 -13.89 4.68 2.72
N MET A 48 -14.02 3.75 3.65
CA MET A 48 -15.32 3.27 4.07
C MET A 48 -16.16 4.36 4.74
N ALA A 49 -15.54 5.11 5.65
CA ALA A 49 -16.25 6.17 6.34
C ALA A 49 -16.77 7.20 5.34
N ALA A 50 -16.01 7.42 4.28
CA ALA A 50 -16.40 8.38 3.25
C ALA A 50 -17.64 7.91 2.51
N ALA A 51 -17.65 6.64 2.12
CA ALA A 51 -18.79 6.07 1.42
C ALA A 51 -20.01 6.22 2.32
N GLY A 52 -19.81 6.03 3.62
CA GLY A 52 -20.92 6.16 4.53
C GLY A 52 -21.40 7.59 4.60
N ARG A 53 -20.47 8.52 4.67
CA ARG A 53 -20.83 9.93 4.76
C ARG A 53 -21.64 10.38 3.54
N SER A 54 -21.33 9.83 2.37
CA SER A 54 -22.06 10.24 1.18
C SER A 54 -23.50 9.72 1.22
N GLN A 55 -23.82 8.98 2.27
CA GLN A 55 -25.17 8.44 2.44
C GLN A 55 -25.76 8.88 3.77
N GLY A 56 -25.27 10.00 4.30
CA GLY A 56 -25.79 10.50 5.56
C GLY A 56 -25.39 9.75 6.80
N GLN A 57 -24.35 8.92 6.70
CA GLN A 57 -23.89 8.17 7.87
C GLN A 57 -22.61 8.78 8.42
N HIS A 58 -22.63 9.18 9.68
CA HIS A 58 -21.46 9.80 10.30
C HIS A 58 -20.76 8.88 11.29
N LYS A 59 -19.49 9.17 11.55
CA LYS A 59 -18.69 8.37 12.47
C LYS A 59 -19.26 8.57 13.86
N GLN A 60 -19.16 7.55 14.69
CA GLN A 60 -19.65 7.60 16.07
C GLN A 60 -18.86 8.66 16.85
N ARG A 61 -19.57 9.58 17.49
CA ARG A 61 -18.93 10.62 18.30
C ARG A 61 -18.47 9.95 19.59
N ILE A 62 -17.21 10.12 19.96
CA ILE A 62 -16.68 9.47 21.16
C ILE A 62 -15.75 10.33 22.00
N TRP A 63 -15.32 9.73 23.10
CA TRP A 63 -14.37 10.30 24.04
C TRP A 63 -13.21 9.31 24.07
N VAL A 64 -12.00 9.78 23.83
CA VAL A 64 -10.87 8.90 23.93
C VAL A 64 -10.28 9.26 25.28
N ASN A 65 -10.40 8.34 26.22
CA ASN A 65 -9.91 8.55 27.57
C ASN A 65 -8.59 7.81 27.75
N ILE A 66 -7.55 8.54 28.14
CA ILE A 66 -6.22 7.99 28.33
C ILE A 66 -5.77 8.02 29.78
N SER A 67 -5.46 6.86 30.34
CA SER A 67 -5.04 6.76 31.73
C SER A 67 -4.16 5.53 31.94
N LEU A 68 -3.78 5.30 33.18
CA LEU A 68 -2.96 4.14 33.52
C LEU A 68 -3.70 2.86 33.15
N SER A 69 -5.02 2.97 33.04
CA SER A 69 -5.86 1.83 32.68
C SER A 69 -5.74 1.56 31.19
N GLY A 70 -5.08 2.46 30.48
CA GLY A 70 -4.94 2.29 29.06
C GLY A 70 -5.87 3.24 28.32
N ILE A 71 -6.52 2.75 27.27
CA ILE A 71 -7.42 3.56 26.50
C ILE A 71 -8.86 3.13 26.63
N LYS A 72 -9.75 4.10 26.84
CA LYS A 72 -11.18 3.79 26.91
C LYS A 72 -11.87 4.57 25.79
N ILE A 73 -12.64 3.87 24.98
CA ILE A 73 -13.38 4.52 23.92
C ILE A 73 -14.78 4.62 24.51
N ILE A 74 -15.26 5.85 24.70
CA ILE A 74 -16.58 6.06 25.29
C ILE A 74 -17.50 6.79 24.34
N ASP A 75 -18.77 6.35 24.29
CA ASP A 75 -19.74 6.99 23.42
C ASP A 75 -20.08 8.34 24.04
N GLU A 76 -19.99 9.39 23.24
CA GLU A 76 -20.26 10.73 23.75
C GLU A 76 -21.70 10.92 24.19
N LYS A 77 -22.63 10.28 23.50
CA LYS A 77 -24.04 10.42 23.83
C LYS A 77 -24.49 9.68 25.10
N THR A 78 -24.24 8.38 25.14
CA THR A 78 -24.66 7.54 26.26
C THR A 78 -23.68 7.46 27.42
N GLY A 79 -22.39 7.63 27.15
CA GLY A 79 -21.42 7.54 28.21
C GLY A 79 -21.06 6.07 28.43
N VAL A 80 -21.50 5.23 27.51
CA VAL A 80 -21.22 3.80 27.58
C VAL A 80 -19.78 3.55 27.16
N ILE A 81 -19.08 2.71 27.92
CA ILE A 81 -17.70 2.41 27.58
C ILE A 81 -17.71 1.31 26.54
N GLU A 82 -17.48 1.71 25.29
CA GLU A 82 -17.48 0.81 24.15
C GLU A 82 -16.29 -0.14 24.15
N HIS A 83 -15.10 0.40 24.40
CA HIS A 83 -13.90 -0.43 24.41
C HIS A 83 -12.93 0.00 25.50
N GLU A 84 -12.13 -0.93 25.97
CA GLU A 84 -11.12 -0.62 26.96
C GLU A 84 -9.94 -1.49 26.61
N HIS A 85 -8.78 -0.86 26.43
CA HIS A 85 -7.58 -1.59 26.10
C HIS A 85 -6.47 -1.25 27.08
N PRO A 86 -6.06 -2.22 27.90
CA PRO A 86 -5.00 -2.04 28.90
C PRO A 86 -3.69 -1.69 28.18
N VAL A 87 -2.86 -0.89 28.83
CA VAL A 87 -1.59 -0.49 28.23
C VAL A 87 -0.81 -1.67 27.67
N ASN A 88 -0.79 -2.78 28.40
CA ASN A 88 -0.05 -3.96 27.96
C ASN A 88 -0.69 -4.72 26.80
N LYS A 89 -1.71 -4.14 26.20
CA LYS A 89 -2.39 -4.75 25.06
C LYS A 89 -2.31 -3.89 23.82
N ILE A 90 -1.80 -2.67 24.00
CA ILE A 90 -1.63 -1.73 22.89
C ILE A 90 -0.17 -1.87 22.45
N SER A 91 0.04 -2.44 21.27
CA SER A 91 1.39 -2.68 20.79
C SER A 91 2.00 -1.60 19.94
N PHE A 92 1.17 -0.88 19.20
CA PHE A 92 1.69 0.14 18.31
C PHE A 92 0.78 1.33 18.21
N ILE A 93 1.38 2.51 18.18
CA ILE A 93 0.61 3.72 18.03
C ILE A 93 1.01 4.23 16.66
N ALA A 94 0.01 4.38 15.78
CA ALA A 94 0.28 4.82 14.43
C ALA A 94 -0.05 6.28 14.22
N ARG A 95 0.89 6.98 13.63
CA ARG A 95 0.74 8.40 13.34
C ARG A 95 0.19 8.40 11.91
N ASP A 96 -0.75 9.28 11.60
CA ASP A 96 -1.30 9.34 10.24
C ASP A 96 -0.72 10.58 9.57
N VAL A 97 0.32 10.39 8.76
CA VAL A 97 0.99 11.51 8.10
C VAL A 97 0.14 12.28 7.10
N THR A 98 -1.01 11.74 6.74
CA THR A 98 -1.89 12.40 5.78
C THR A 98 -2.92 13.30 6.45
N ASP A 99 -3.03 13.18 7.77
CA ASP A 99 -4.04 13.93 8.52
C ASP A 99 -3.52 14.46 9.87
N ASN A 100 -3.74 15.74 10.14
CA ASN A 100 -3.31 16.33 11.40
C ASN A 100 -4.36 16.07 12.49
N ARG A 101 -5.51 15.55 12.09
CA ARG A 101 -6.57 15.25 13.03
C ARG A 101 -7.00 13.79 13.00
N ALA A 102 -6.02 12.90 12.85
CA ALA A 102 -6.28 11.47 12.84
C ALA A 102 -5.05 10.69 13.28
N PHE A 103 -5.28 9.53 13.87
CA PHE A 103 -4.21 8.67 14.32
C PHE A 103 -4.86 7.33 14.61
N GLY A 104 -4.06 6.31 14.89
CA GLY A 104 -4.61 5.01 15.18
C GLY A 104 -3.67 4.22 16.06
N TYR A 105 -4.13 3.09 16.57
CA TYR A 105 -3.31 2.26 17.41
C TYR A 105 -3.70 0.80 17.23
N VAL A 106 -2.75 -0.11 17.40
CA VAL A 106 -3.01 -1.52 17.26
C VAL A 106 -3.10 -2.12 18.64
N CYS A 107 -4.04 -3.01 18.86
CA CYS A 107 -4.19 -3.63 20.16
C CYS A 107 -4.71 -5.06 20.04
N GLY A 108 -4.54 -5.80 21.12
CA GLY A 108 -4.98 -7.18 21.15
C GLY A 108 -3.78 -8.06 21.44
N GLY A 109 -4.05 -9.33 21.76
CA GLY A 109 -2.96 -10.25 22.04
C GLY A 109 -2.30 -10.66 20.74
N GLU A 110 -1.22 -11.43 20.84
CA GLU A 110 -0.50 -11.89 19.66
C GLU A 110 -1.40 -12.73 18.77
N GLY A 111 -1.40 -12.43 17.47
CA GLY A 111 -2.23 -13.16 16.53
C GLY A 111 -3.67 -12.67 16.42
N GLN A 112 -4.02 -11.71 17.25
CA GLN A 112 -5.38 -11.16 17.24
C GLN A 112 -5.33 -9.62 17.35
N HIS A 113 -4.63 -9.02 16.42
CA HIS A 113 -4.42 -7.58 16.36
C HIS A 113 -5.52 -6.80 15.65
N GLN A 114 -5.89 -5.66 16.21
CA GLN A 114 -6.91 -4.80 15.60
C GLN A 114 -6.42 -3.36 15.53
N PHE A 115 -6.75 -2.67 14.44
CA PHE A 115 -6.36 -1.29 14.29
C PHE A 115 -7.55 -0.39 14.53
N PHE A 116 -7.44 0.49 15.51
CA PHE A 116 -8.51 1.44 15.81
C PHE A 116 -8.12 2.77 15.20
N ALA A 117 -8.90 3.21 14.22
CA ALA A 117 -8.59 4.48 13.55
C ALA A 117 -9.42 5.57 14.22
N ILE A 118 -8.77 6.66 14.59
CA ILE A 118 -9.47 7.74 15.28
C ILE A 118 -9.33 9.11 14.66
N LYS A 119 -10.45 9.82 14.62
CA LYS A 119 -10.48 11.19 14.08
C LYS A 119 -10.62 12.11 15.29
N THR A 120 -9.57 12.85 15.59
CA THR A 120 -9.59 13.75 16.74
C THR A 120 -10.37 15.03 16.48
N GLY A 121 -11.07 15.50 17.49
CA GLY A 121 -11.85 16.72 17.34
C GLY A 121 -10.89 17.87 17.11
N GLN A 122 -9.75 17.82 17.78
CA GLN A 122 -8.72 18.83 17.65
C GLN A 122 -7.49 18.16 17.04
N GLN A 123 -6.30 18.71 17.26
CA GLN A 123 -5.10 18.10 16.69
C GLN A 123 -4.83 16.73 17.30
N ALA A 124 -4.31 15.83 16.49
CA ALA A 124 -4.02 14.48 16.95
C ALA A 124 -2.71 14.36 17.71
N GLU A 125 -1.70 15.14 17.30
CA GLU A 125 -0.39 15.07 17.93
C GLU A 125 -0.39 15.09 19.47
N PRO A 126 -0.99 16.11 20.09
CA PRO A 126 -1.00 16.13 21.56
C PRO A 126 -1.53 14.83 22.17
N LEU A 127 -2.39 14.14 21.42
CA LEU A 127 -2.95 12.88 21.87
C LEU A 127 -1.91 11.77 21.70
N VAL A 128 -1.25 11.74 20.54
CA VAL A 128 -0.24 10.74 20.26
C VAL A 128 0.90 10.87 21.29
N VAL A 129 1.23 12.11 21.64
CA VAL A 129 2.29 12.36 22.60
C VAL A 129 1.89 11.80 23.96
N ASP A 130 0.68 12.11 24.39
CA ASP A 130 0.22 11.59 25.67
C ASP A 130 0.42 10.08 25.74
N LEU A 131 -0.06 9.39 24.71
CA LEU A 131 0.06 7.94 24.67
C LEU A 131 1.52 7.52 24.77
N LYS A 132 2.40 8.27 24.13
CA LYS A 132 3.82 7.94 24.16
C LYS A 132 4.31 8.09 25.60
N ASP A 133 3.99 9.23 26.22
CA ASP A 133 4.41 9.45 27.59
C ASP A 133 3.84 8.39 28.51
N LEU A 134 2.57 8.05 28.32
CA LEU A 134 1.93 7.03 29.14
C LEU A 134 2.75 5.74 29.10
N PHE A 135 3.01 5.24 27.90
CA PHE A 135 3.78 4.01 27.75
C PHE A 135 5.15 4.17 28.39
N GLN A 136 5.68 5.39 28.32
CA GLN A 136 6.98 5.68 28.89
C GLN A 136 6.96 5.62 30.42
N VAL A 137 5.95 6.21 31.03
CA VAL A 137 5.84 6.19 32.48
C VAL A 137 5.67 4.77 32.99
N ILE A 138 4.64 4.08 32.48
CA ILE A 138 4.37 2.72 32.89
C ILE A 138 5.68 1.95 32.88
N TYR A 139 6.45 2.16 31.82
CA TYR A 139 7.73 1.51 31.65
C TYR A 139 8.75 1.87 32.73
N ASN A 140 8.97 3.17 32.96
CA ASN A 140 9.91 3.62 33.98
C ASN A 140 9.62 3.01 35.34
N VAL A 141 8.38 3.19 35.80
CA VAL A 141 7.97 2.65 37.09
C VAL A 141 8.34 1.17 37.21
N LYS A 142 7.86 0.36 36.27
CA LYS A 142 8.16 -1.08 36.30
C LYS A 142 9.66 -1.34 36.39
N LYS A 143 10.45 -0.59 35.62
CA LYS A 143 11.89 -0.78 35.62
C LYS A 143 12.47 -0.57 37.02
N LYS A 144 12.15 0.56 37.64
CA LYS A 144 12.64 0.86 38.98
C LYS A 144 12.31 -0.28 39.93
N GLU A 145 11.01 -0.58 40.05
CA GLU A 145 10.53 -1.65 40.92
C GLU A 145 11.37 -2.91 40.75
N GLU A 146 11.77 -3.19 39.52
CA GLU A 146 12.60 -4.36 39.22
C GLU A 146 13.97 -4.20 39.87
N ASP A 147 14.63 -3.08 39.60
CA ASP A 147 15.95 -2.81 40.16
C ASP A 147 15.93 -2.79 41.69
N LYS A 148 14.72 -2.69 42.25
CA LYS A 148 14.54 -2.67 43.70
C LYS A 148 14.44 -4.11 44.22
N LYS A 149 13.72 -4.96 43.49
CA LYS A 149 13.55 -6.35 43.88
C LYS A 149 14.89 -7.06 43.78
N LYS A 150 15.73 -6.62 42.84
CA LYS A 150 17.06 -7.19 42.64
C LYS A 150 18.00 -6.78 43.76
N MET B 1 34.02 4.40 7.86
CA MET B 1 34.34 3.14 7.14
C MET B 1 34.19 1.91 8.01
N GLU B 2 34.71 0.84 7.43
CA GLU B 2 34.66 -0.53 7.92
C GLU B 2 33.33 -1.02 8.43
N LYS B 3 32.58 -1.50 7.46
CA LYS B 3 31.26 -2.09 7.65
C LYS B 3 31.30 -3.46 8.36
N THR B 4 31.37 -3.43 9.69
CA THR B 4 31.30 -4.62 10.49
C THR B 4 29.81 -4.89 10.56
N ASP B 5 29.43 -6.12 10.84
CA ASP B 5 28.02 -6.47 10.95
C ASP B 5 27.33 -5.52 11.92
N GLU B 6 28.00 -5.23 13.03
CA GLU B 6 27.44 -4.35 14.05
C GLU B 6 27.16 -2.96 13.48
N TYR B 7 28.13 -2.40 12.77
CA TYR B 7 27.95 -1.08 12.16
C TYR B 7 26.76 -1.14 11.20
N LEU B 8 26.76 -2.15 10.34
CA LEU B 8 25.69 -2.33 9.37
C LEU B 8 24.34 -2.51 10.04
N LEU B 9 24.29 -3.28 11.13
CA LEU B 9 23.04 -3.49 11.85
C LEU B 9 22.51 -2.15 12.36
N ALA B 10 23.40 -1.38 12.99
CA ALA B 10 23.02 -0.09 13.53
C ALA B 10 22.55 0.87 12.45
N ARG B 11 23.08 0.72 11.25
CA ARG B 11 22.73 1.58 10.13
C ARG B 11 21.37 1.30 9.53
N PHE B 12 21.04 0.02 9.37
CA PHE B 12 19.77 -0.36 8.77
C PHE B 12 18.67 -0.69 9.78
N LYS B 13 18.97 -0.53 11.06
CA LYS B 13 18.02 -0.81 12.12
C LYS B 13 16.97 0.29 12.15
N GLY B 14 15.71 -0.09 12.37
CA GLY B 14 14.63 0.87 12.44
C GLY B 14 14.30 1.58 11.14
N ASP B 15 14.40 2.91 11.15
CA ASP B 15 14.11 3.71 9.97
C ASP B 15 15.23 3.58 8.94
N GLY B 16 16.40 3.12 9.39
CA GLY B 16 17.52 2.95 8.49
C GLY B 16 17.95 4.22 7.79
N VAL B 17 18.40 4.09 6.56
CA VAL B 17 18.87 5.22 5.77
C VAL B 17 17.80 5.67 4.78
N LYS B 18 17.87 6.91 4.35
CA LYS B 18 16.87 7.47 3.45
C LYS B 18 17.48 8.33 2.34
N TYR B 19 16.98 8.15 1.11
CA TYR B 19 17.48 8.91 -0.03
C TYR B 19 16.38 9.58 -0.84
N LYS B 20 16.68 10.78 -1.32
CA LYS B 20 15.73 11.54 -2.12
C LYS B 20 15.88 11.02 -3.56
N ALA B 21 14.75 10.80 -4.24
CA ALA B 21 14.81 10.31 -5.61
C ALA B 21 13.47 10.46 -6.34
N LYS B 22 13.40 9.90 -7.54
CA LYS B 22 12.18 9.95 -8.33
C LYS B 22 11.90 8.56 -8.88
N LEU B 23 10.62 8.22 -9.01
CA LEU B 23 10.25 6.91 -9.53
C LEU B 23 10.16 6.99 -11.05
N ILE B 24 11.14 6.43 -11.74
CA ILE B 24 11.13 6.46 -13.20
C ILE B 24 9.97 5.62 -13.72
N GLY B 25 9.74 4.48 -13.09
CA GLY B 25 8.64 3.63 -13.52
C GLY B 25 8.69 2.20 -13.00
N ILE B 26 7.64 1.45 -13.29
CA ILE B 26 7.53 0.05 -12.90
C ILE B 26 7.24 -0.77 -14.14
N ASP B 27 7.90 -1.93 -14.25
CA ASP B 27 7.71 -2.79 -15.41
C ASP B 27 7.68 -4.26 -15.03
N ASP B 28 6.74 -5.01 -15.60
CA ASP B 28 6.65 -6.43 -15.31
C ASP B 28 7.82 -7.08 -16.03
N VAL B 29 8.51 -7.96 -15.33
CA VAL B 29 9.67 -8.62 -15.89
C VAL B 29 9.57 -10.16 -15.80
N PRO B 30 10.10 -10.86 -16.81
CA PRO B 30 10.09 -12.32 -16.87
C PRO B 30 10.95 -13.12 -15.88
N ASP B 31 12.02 -12.53 -15.37
CA ASP B 31 12.87 -13.26 -14.45
C ASP B 31 13.30 -12.48 -13.21
N ALA B 32 13.89 -13.17 -12.25
CA ALA B 32 14.32 -12.56 -11.00
C ALA B 32 15.66 -11.85 -11.10
N ARG B 33 16.44 -12.20 -12.12
CA ARG B 33 17.77 -11.60 -12.27
C ARG B 33 18.09 -11.29 -13.73
N GLY B 34 19.20 -10.59 -13.96
CA GLY B 34 19.58 -10.28 -15.33
C GLY B 34 19.97 -8.85 -15.65
N ASP B 35 21.22 -8.66 -16.05
CA ASP B 35 21.71 -7.34 -16.41
C ASP B 35 21.01 -6.85 -17.67
N LYS B 36 20.99 -7.68 -18.70
CA LYS B 36 20.36 -7.33 -19.95
C LYS B 36 18.86 -7.09 -19.78
N MET B 37 18.21 -7.99 -19.04
CA MET B 37 16.79 -7.86 -18.79
C MET B 37 16.52 -6.55 -18.06
N SER B 38 17.35 -6.26 -17.07
CA SER B 38 17.20 -5.03 -16.31
C SER B 38 17.44 -3.80 -17.18
N GLN B 39 18.43 -3.88 -18.06
CA GLN B 39 18.75 -2.76 -18.94
C GLN B 39 17.56 -2.45 -19.85
N ASP B 40 17.02 -3.49 -20.48
CA ASP B 40 15.88 -3.31 -21.37
C ASP B 40 14.73 -2.60 -20.67
N SER B 41 14.43 -2.98 -19.43
CA SER B 41 13.34 -2.33 -18.68
C SER B 41 13.67 -0.86 -18.43
N MET B 42 14.84 -0.61 -17.86
CA MET B 42 15.28 0.74 -17.56
C MET B 42 15.15 1.59 -18.81
N MET B 43 15.66 1.10 -19.92
CA MET B 43 15.59 1.82 -21.17
C MET B 43 14.15 2.11 -21.61
N LYS B 44 13.28 1.11 -21.53
CA LYS B 44 11.89 1.31 -21.92
C LYS B 44 11.23 2.33 -21.02
N LEU B 45 11.47 2.20 -19.73
CA LEU B 45 10.91 3.12 -18.75
C LEU B 45 11.41 4.55 -18.92
N LYS B 46 12.70 4.70 -19.20
CA LYS B 46 13.23 6.04 -19.39
C LYS B 46 12.66 6.60 -20.67
N GLY B 47 12.39 5.74 -21.64
CA GLY B 47 11.83 6.20 -22.89
C GLY B 47 10.47 6.79 -22.60
N MET B 48 9.69 6.04 -21.81
CA MET B 48 8.34 6.45 -21.44
C MET B 48 8.33 7.72 -20.61
N ALA B 49 9.22 7.78 -19.62
CA ALA B 49 9.29 8.97 -18.77
C ALA B 49 9.62 10.21 -19.60
N ALA B 50 10.43 10.02 -20.64
CA ALA B 50 10.83 11.12 -21.51
C ALA B 50 9.62 11.63 -22.30
N ALA B 51 8.86 10.72 -22.86
CA ALA B 51 7.67 11.09 -23.61
C ALA B 51 6.76 11.88 -22.69
N GLY B 52 6.71 11.48 -21.43
CA GLY B 52 5.87 12.17 -20.48
C GLY B 52 6.38 13.56 -20.23
N ARG B 53 7.70 13.68 -20.04
CA ARG B 53 8.29 14.97 -19.76
C ARG B 53 8.07 15.96 -20.90
N SER B 54 8.05 15.48 -22.13
CA SER B 54 7.84 16.39 -23.25
C SER B 54 6.40 16.91 -23.25
N GLN B 55 5.60 16.43 -22.31
CA GLN B 55 4.21 16.86 -22.18
C GLN B 55 3.94 17.42 -20.80
N GLY B 56 4.98 17.92 -20.14
CA GLY B 56 4.79 18.48 -18.83
C GLY B 56 4.52 17.50 -17.70
N GLN B 57 4.79 16.23 -17.91
CA GLN B 57 4.57 15.23 -16.87
C GLN B 57 5.90 14.79 -16.27
N HIS B 58 6.07 14.97 -14.97
CA HIS B 58 7.30 14.60 -14.30
C HIS B 58 7.17 13.33 -13.47
N LYS B 59 8.31 12.72 -13.18
CA LYS B 59 8.34 11.50 -12.39
C LYS B 59 7.93 11.87 -10.97
N GLN B 60 7.29 10.93 -10.29
CA GLN B 60 6.86 11.15 -8.91
C GLN B 60 8.07 11.35 -8.01
N ARG B 61 8.06 12.42 -7.21
CA ARG B 61 9.15 12.69 -6.28
C ARG B 61 8.98 11.75 -5.10
N ILE B 62 10.02 11.00 -4.76
CA ILE B 62 9.92 10.05 -3.65
C ILE B 62 11.09 10.01 -2.71
N TRP B 63 10.95 9.15 -1.70
CA TRP B 63 11.97 8.89 -0.70
C TRP B 63 12.22 7.39 -0.83
N VAL B 64 13.47 6.99 -1.03
CA VAL B 64 13.76 5.58 -1.07
C VAL B 64 14.33 5.32 0.30
N ASN B 65 13.59 4.58 1.11
CA ASN B 65 14.00 4.27 2.46
C ASN B 65 14.53 2.83 2.52
N ILE B 66 15.77 2.69 3.00
CA ILE B 66 16.43 1.39 3.09
C ILE B 66 16.68 0.97 4.54
N SER B 67 16.13 -0.17 4.92
CA SER B 67 16.29 -0.68 6.28
C SER B 67 16.17 -2.19 6.30
N LEU B 68 16.24 -2.77 7.50
CA LEU B 68 16.10 -4.22 7.65
C LEU B 68 14.73 -4.67 7.12
N SER B 69 13.78 -3.73 7.06
CA SER B 69 12.43 -4.01 6.56
C SER B 69 12.46 -4.12 5.03
N GLY B 70 13.60 -3.77 4.44
CA GLY B 70 13.72 -3.82 3.01
C GLY B 70 13.66 -2.42 2.44
N ILE B 71 12.97 -2.26 1.32
CA ILE B 71 12.85 -0.96 0.69
C ILE B 71 11.44 -0.38 0.80
N LYS B 72 11.35 0.89 1.14
CA LYS B 72 10.06 1.56 1.20
C LYS B 72 10.12 2.72 0.20
N ILE B 73 9.14 2.79 -0.70
CA ILE B 73 9.06 3.89 -1.65
C ILE B 73 8.02 4.79 -1.03
N ILE B 74 8.41 6.01 -0.68
CA ILE B 74 7.49 6.94 -0.04
C ILE B 74 7.32 8.19 -0.88
N ASP B 75 6.09 8.69 -0.95
CA ASP B 75 5.81 9.89 -1.71
C ASP B 75 6.37 11.06 -0.92
N GLU B 76 7.17 11.88 -1.57
CA GLU B 76 7.78 13.01 -0.88
C GLU B 76 6.77 14.04 -0.37
N LYS B 77 5.71 14.25 -1.13
CA LYS B 77 4.70 15.22 -0.77
C LYS B 77 3.79 14.79 0.39
N THR B 78 3.13 13.64 0.24
CA THR B 78 2.19 13.15 1.26
C THR B 78 2.80 12.33 2.38
N GLY B 79 3.90 11.65 2.11
CA GLY B 79 4.49 10.83 3.14
C GLY B 79 3.81 9.48 3.13
N VAL B 80 3.01 9.22 2.10
CA VAL B 80 2.30 7.96 1.98
C VAL B 80 3.27 6.88 1.51
N ILE B 81 3.25 5.71 2.15
CA ILE B 81 4.12 4.63 1.75
C ILE B 81 3.50 3.92 0.54
N GLU B 82 4.02 4.24 -0.64
CA GLU B 82 3.55 3.67 -1.88
C GLU B 82 3.86 2.19 -2.03
N HIS B 83 5.09 1.79 -1.71
CA HIS B 83 5.47 0.38 -1.85
C HIS B 83 6.40 -0.03 -0.73
N GLU B 84 6.38 -1.31 -0.40
CA GLU B 84 7.29 -1.82 0.62
C GLU B 84 7.68 -3.21 0.13
N HIS B 85 8.97 -3.46 0.02
CA HIS B 85 9.46 -4.74 -0.44
C HIS B 85 10.44 -5.30 0.57
N PRO B 86 10.07 -6.40 1.24
CA PRO B 86 10.92 -7.04 2.24
C PRO B 86 12.19 -7.53 1.57
N VAL B 87 13.30 -7.55 2.31
CA VAL B 87 14.57 -7.99 1.77
C VAL B 87 14.46 -9.34 1.04
N ASN B 88 13.71 -10.27 1.61
CA ASN B 88 13.58 -11.59 1.00
C ASN B 88 12.70 -11.61 -0.25
N LYS B 89 12.34 -10.44 -0.74
CA LYS B 89 11.50 -10.35 -1.95
C LYS B 89 12.21 -9.60 -3.07
N ILE B 90 13.38 -9.03 -2.74
CA ILE B 90 14.19 -8.30 -3.70
C ILE B 90 15.24 -9.28 -4.17
N SER B 91 15.13 -9.74 -5.41
CA SER B 91 16.04 -10.72 -5.95
C SER B 91 17.27 -10.19 -6.66
N PHE B 92 17.14 -9.03 -7.29
CA PHE B 92 18.26 -8.50 -8.04
C PHE B 92 18.34 -6.97 -7.96
N ILE B 93 19.56 -6.47 -7.82
CA ILE B 93 19.77 -5.04 -7.79
C ILE B 93 20.49 -4.75 -9.08
N ALA B 94 19.89 -3.92 -9.92
CA ALA B 94 20.49 -3.60 -11.20
C ALA B 94 21.18 -2.25 -11.19
N ARG B 95 22.40 -2.24 -11.69
CA ARG B 95 23.21 -1.05 -11.78
C ARG B 95 22.90 -0.52 -13.19
N ASP B 96 22.74 0.78 -13.35
CA ASP B 96 22.47 1.32 -14.68
C ASP B 96 23.77 1.96 -15.16
N VAL B 97 24.51 1.25 -16.00
CA VAL B 97 25.78 1.75 -16.50
C VAL B 97 25.70 2.99 -17.39
N THR B 98 24.49 3.37 -17.80
CA THR B 98 24.34 4.53 -18.67
C THR B 98 24.07 5.80 -17.86
N ASP B 99 23.81 5.62 -16.57
CA ASP B 99 23.46 6.75 -15.72
C ASP B 99 24.07 6.67 -14.32
N ASN B 100 24.72 7.74 -13.87
CA ASN B 100 25.29 7.75 -12.54
C ASN B 100 24.26 8.13 -11.48
N ARG B 101 23.07 8.51 -11.92
CA ARG B 101 22.00 8.89 -11.03
C ARG B 101 20.73 8.05 -11.25
N ALA B 102 20.94 6.77 -11.53
CA ALA B 102 19.82 5.85 -11.75
C ALA B 102 20.24 4.43 -11.43
N PHE B 103 19.28 3.61 -11.01
CA PHE B 103 19.52 2.21 -10.71
C PHE B 103 18.15 1.58 -10.58
N GLY B 104 18.09 0.27 -10.47
CA GLY B 104 16.80 -0.38 -10.35
C GLY B 104 16.96 -1.68 -9.58
N TYR B 105 15.84 -2.31 -9.26
CA TYR B 105 15.88 -3.58 -8.56
C TYR B 105 14.65 -4.40 -8.95
N VAL B 106 14.79 -5.71 -8.89
CA VAL B 106 13.69 -6.60 -9.23
C VAL B 106 13.13 -7.15 -7.93
N CYS B 107 11.81 -7.24 -7.84
CA CYS B 107 11.20 -7.77 -6.62
C CYS B 107 9.92 -8.50 -6.92
N GLY B 108 9.48 -9.31 -5.96
CA GLY B 108 8.26 -10.07 -6.13
C GLY B 108 8.60 -11.54 -5.98
N GLY B 109 7.57 -12.37 -5.84
CA GLY B 109 7.80 -13.79 -5.69
C GLY B 109 8.14 -14.38 -7.05
N GLU B 110 8.47 -15.67 -7.07
CA GLU B 110 8.83 -16.34 -8.31
C GLU B 110 7.66 -16.29 -9.30
N GLY B 111 7.95 -15.91 -10.54
CA GLY B 111 6.92 -15.84 -11.56
C GLY B 111 6.14 -14.53 -11.60
N GLN B 112 6.42 -13.66 -10.64
CA GLN B 112 5.75 -12.37 -10.55
C GLN B 112 6.77 -11.28 -10.22
N HIS B 113 7.77 -11.14 -11.08
CA HIS B 113 8.83 -10.17 -10.90
C HIS B 113 8.53 -8.80 -11.50
N GLN B 114 8.94 -7.76 -10.79
CA GLN B 114 8.74 -6.39 -11.26
C GLN B 114 10.03 -5.62 -11.13
N PHE B 115 10.31 -4.77 -12.10
CA PHE B 115 11.52 -3.95 -12.08
C PHE B 115 11.15 -2.52 -11.71
N PHE B 116 11.71 -2.04 -10.61
CA PHE B 116 11.47 -0.68 -10.17
C PHE B 116 12.67 0.16 -10.59
N ALA B 117 12.46 1.11 -11.49
CA ALA B 117 13.55 1.96 -11.97
C ALA B 117 13.54 3.23 -11.16
N ILE B 118 14.70 3.60 -10.65
CA ILE B 118 14.80 4.78 -9.81
C ILE B 118 15.85 5.81 -10.23
N LYS B 119 15.46 7.07 -10.16
CA LYS B 119 16.35 8.18 -10.49
C LYS B 119 16.72 8.85 -9.18
N THR B 120 17.96 8.67 -8.77
CA THR B 120 18.44 9.23 -7.51
C THR B 120 18.66 10.74 -7.64
N GLY B 121 18.38 11.46 -6.55
CA GLY B 121 18.56 12.89 -6.53
C GLY B 121 20.03 13.23 -6.58
N GLN B 122 20.83 12.36 -5.97
CA GLN B 122 22.29 12.49 -5.95
C GLN B 122 22.84 11.27 -6.69
N GLN B 123 24.06 10.84 -6.36
CA GLN B 123 24.63 9.67 -7.02
C GLN B 123 23.91 8.40 -6.63
N ALA B 124 23.82 7.47 -7.57
CA ALA B 124 23.13 6.22 -7.30
C ALA B 124 24.00 5.19 -6.56
N GLU B 125 25.30 5.18 -6.87
CA GLU B 125 26.22 4.22 -6.26
C GLU B 125 26.10 4.06 -4.75
N PRO B 126 26.20 5.15 -3.98
CA PRO B 126 26.09 5.01 -2.52
C PRO B 126 24.82 4.29 -2.09
N LEU B 127 23.81 4.37 -2.94
CA LEU B 127 22.54 3.75 -2.67
C LEU B 127 22.62 2.24 -3.01
N VAL B 128 23.23 1.93 -4.16
CA VAL B 128 23.37 0.55 -4.58
C VAL B 128 24.25 -0.19 -3.57
N VAL B 129 25.28 0.49 -3.07
CA VAL B 129 26.17 -0.11 -2.10
C VAL B 129 25.40 -0.44 -0.84
N ASP B 130 24.61 0.52 -0.36
CA ASP B 130 23.83 0.28 0.85
C ASP B 130 23.02 -1.00 0.70
N LEU B 131 22.29 -1.10 -0.40
CA LEU B 131 21.48 -2.27 -0.65
C LEU B 131 22.31 -3.54 -0.64
N LYS B 132 23.52 -3.48 -1.17
CA LYS B 132 24.40 -4.64 -1.20
C LYS B 132 24.76 -4.99 0.25
N ASP B 133 25.20 -4.00 1.02
CA ASP B 133 25.56 -4.26 2.39
C ASP B 133 24.37 -4.80 3.17
N LEU B 134 23.19 -4.22 2.94
CA LEU B 134 21.99 -4.68 3.63
C LEU B 134 21.80 -6.17 3.41
N PHE B 135 21.77 -6.58 2.15
CA PHE B 135 21.59 -8.00 1.83
C PHE B 135 22.69 -8.82 2.49
N GLN B 136 23.89 -8.24 2.56
CA GLN B 136 25.02 -8.91 3.15
C GLN B 136 24.85 -9.12 4.65
N VAL B 137 24.39 -8.09 5.35
CA VAL B 137 24.19 -8.18 6.79
C VAL B 137 23.12 -9.21 7.10
N ILE B 138 21.94 -9.02 6.51
CA ILE B 138 20.82 -9.93 6.72
C ILE B 138 21.34 -11.36 6.61
N TYR B 139 22.15 -11.57 5.56
CA TYR B 139 22.72 -12.88 5.31
C TYR B 139 23.65 -13.38 6.42
N ASN B 140 24.63 -12.55 6.80
CA ASN B 140 25.57 -12.93 7.86
C ASN B 140 24.84 -13.36 9.12
N VAL B 141 23.97 -12.48 9.63
CA VAL B 141 23.21 -12.78 10.83
C VAL B 141 22.53 -14.14 10.75
N LYS B 142 21.73 -14.36 9.71
CA LYS B 142 21.05 -15.63 9.54
C LYS B 142 22.01 -16.81 9.58
N LYS B 143 23.15 -16.67 8.91
CA LYS B 143 24.14 -17.74 8.86
C LYS B 143 24.62 -18.10 10.27
N LYS B 144 25.03 -17.10 11.04
CA LYS B 144 25.49 -17.34 12.40
C LYS B 144 24.44 -18.11 13.18
N GLU B 145 23.25 -17.51 13.28
CA GLU B 145 22.13 -18.12 13.99
C GLU B 145 21.98 -19.60 13.65
N GLU B 146 22.22 -19.93 12.37
CA GLU B 146 22.13 -21.31 11.92
C GLU B 146 23.23 -22.15 12.55
N ASP B 147 24.46 -21.68 12.44
CA ASP B 147 25.61 -22.39 13.01
C ASP B 147 25.48 -22.52 14.53
N LYS B 148 24.58 -21.74 15.12
CA LYS B 148 24.34 -21.79 16.55
C LYS B 148 23.35 -22.93 16.87
N LYS B 149 22.41 -23.16 15.98
CA LYS B 149 21.45 -24.25 16.18
C LYS B 149 22.19 -25.53 15.79
N LYS B 150 23.33 -25.75 16.44
CA LYS B 150 24.17 -26.90 16.18
C LYS B 150 25.03 -27.22 17.41
N MET C 1 -29.80 -3.22 -28.43
CA MET C 1 -30.89 -4.24 -28.39
C MET C 1 -30.37 -5.66 -28.67
N GLU C 2 -30.53 -6.13 -29.90
CA GLU C 2 -30.08 -7.46 -30.27
C GLU C 2 -28.56 -7.56 -30.20
N LYS C 3 -28.07 -7.71 -28.98
CA LYS C 3 -26.64 -7.84 -28.73
C LYS C 3 -26.20 -9.24 -29.18
N THR C 4 -26.23 -9.44 -30.50
CA THR C 4 -25.86 -10.71 -31.10
C THR C 4 -24.35 -10.82 -31.13
N ASP C 5 -23.84 -12.05 -31.25
CA ASP C 5 -22.39 -12.24 -31.30
C ASP C 5 -21.79 -11.35 -32.37
N GLU C 6 -22.45 -11.28 -33.52
CA GLU C 6 -21.97 -10.46 -34.63
C GLU C 6 -21.89 -8.99 -34.25
N TYR C 7 -22.94 -8.48 -33.61
CA TYR C 7 -22.93 -7.08 -33.20
C TYR C 7 -21.77 -6.86 -32.24
N LEU C 8 -21.67 -7.75 -31.25
CA LEU C 8 -20.61 -7.67 -30.25
C LEU C 8 -19.23 -7.76 -30.89
N LEU C 9 -19.08 -8.64 -31.88
CA LEU C 9 -17.78 -8.78 -32.56
C LEU C 9 -17.41 -7.47 -33.23
N ALA C 10 -18.35 -6.91 -33.96
CA ALA C 10 -18.12 -5.66 -34.66
C ALA C 10 -17.80 -4.51 -33.71
N ARG C 11 -18.35 -4.58 -32.50
CA ARG C 11 -18.15 -3.54 -31.50
C ARG C 11 -16.77 -3.57 -30.85
N PHE C 12 -16.28 -4.76 -30.52
CA PHE C 12 -14.99 -4.91 -29.87
C PHE C 12 -13.84 -5.25 -30.81
N LYS C 13 -14.13 -5.27 -32.11
CA LYS C 13 -13.13 -5.57 -33.12
C LYS C 13 -12.23 -4.35 -33.27
N GLY C 14 -10.93 -4.59 -33.43
CA GLY C 14 -9.97 -3.51 -33.62
C GLY C 14 -9.77 -2.61 -32.41
N ASP C 15 -10.02 -1.32 -32.60
CA ASP C 15 -9.87 -0.36 -31.52
C ASP C 15 -10.98 -0.50 -30.49
N GLY C 16 -12.06 -1.16 -30.89
CA GLY C 16 -13.17 -1.35 -29.98
C GLY C 16 -13.78 -0.06 -29.46
N VAL C 17 -14.27 -0.09 -28.22
CA VAL C 17 -14.88 1.07 -27.59
C VAL C 17 -13.89 1.77 -26.66
N LYS C 18 -14.14 3.04 -26.38
CA LYS C 18 -13.22 3.82 -25.56
C LYS C 18 -13.96 4.73 -24.57
N TYR C 19 -13.48 4.77 -23.33
CA TYR C 19 -14.10 5.59 -22.29
C TYR C 19 -13.10 6.51 -21.58
N LYS C 20 -13.56 7.71 -21.24
CA LYS C 20 -12.75 8.68 -20.54
C LYS C 20 -12.85 8.33 -19.06
N ALA C 21 -11.73 8.37 -18.34
CA ALA C 21 -11.75 8.05 -16.92
C ALA C 21 -10.45 8.45 -16.22
N LYS C 22 -10.33 8.06 -14.96
CA LYS C 22 -9.14 8.35 -14.17
C LYS C 22 -8.71 7.09 -13.47
N LEU C 23 -7.40 6.94 -13.27
CA LEU C 23 -6.88 5.78 -12.57
C LEU C 23 -6.84 6.05 -11.06
N ILE C 24 -7.75 5.46 -10.32
CA ILE C 24 -7.79 5.66 -8.87
C ILE C 24 -6.56 5.04 -8.23
N GLY C 25 -6.15 3.87 -8.73
CA GLY C 25 -4.97 3.23 -8.17
C GLY C 25 -4.83 1.76 -8.51
N ILE C 26 -3.71 1.18 -8.11
CA ILE C 26 -3.42 -0.22 -8.34
C ILE C 26 -3.05 -0.85 -7.00
N ASP C 27 -3.55 -2.06 -6.76
CA ASP C 27 -3.30 -2.74 -5.51
C ASP C 27 -3.07 -4.22 -5.68
N ASP C 28 -2.07 -4.77 -5.01
CA ASP C 28 -1.79 -6.20 -5.10
C ASP C 28 -2.89 -6.89 -4.30
N VAL C 29 -3.45 -7.93 -4.89
CA VAL C 29 -4.54 -8.66 -4.28
C VAL C 29 -4.24 -10.16 -4.16
N PRO C 30 -4.71 -10.80 -3.09
CA PRO C 30 -4.50 -12.22 -2.82
C PRO C 30 -5.23 -13.24 -3.71
N ASP C 31 -6.35 -12.85 -4.31
CA ASP C 31 -7.08 -13.80 -5.14
C ASP C 31 -7.57 -13.25 -6.47
N ALA C 32 -8.06 -14.13 -7.34
CA ALA C 32 -8.55 -13.74 -8.65
C ALA C 32 -9.97 -13.19 -8.65
N ARG C 33 -10.73 -13.50 -7.61
CA ARG C 33 -12.12 -13.06 -7.53
C ARG C 33 -12.51 -12.61 -6.13
N GLY C 34 -13.69 -12.03 -6.00
CA GLY C 34 -14.15 -11.61 -4.69
C GLY C 34 -14.71 -10.21 -4.55
N ASP C 35 -16.00 -10.12 -4.20
CA ASP C 35 -16.65 -8.84 -4.01
C ASP C 35 -16.04 -8.10 -2.82
N LYS C 36 -15.94 -8.80 -1.69
CA LYS C 36 -15.38 -8.22 -0.47
C LYS C 36 -13.93 -7.83 -0.69
N MET C 37 -13.15 -8.71 -1.29
CA MET C 37 -11.75 -8.44 -1.55
C MET C 37 -11.64 -7.20 -2.43
N SER C 38 -12.48 -7.13 -3.46
CA SER C 38 -12.45 -6.01 -4.37
C SER C 38 -12.86 -4.71 -3.68
N GLN C 39 -13.86 -4.81 -2.80
CA GLN C 39 -14.33 -3.63 -2.08
C GLN C 39 -13.21 -3.08 -1.19
N ASP C 40 -12.56 -3.96 -0.45
CA ASP C 40 -11.47 -3.55 0.43
C ASP C 40 -10.39 -2.78 -0.35
N SER C 41 -10.01 -3.27 -1.53
CA SER C 41 -9.01 -2.57 -2.33
C SER C 41 -9.52 -1.21 -2.79
N MET C 42 -10.70 -1.19 -3.38
CA MET C 42 -11.28 0.06 -3.85
C MET C 42 -11.27 1.08 -2.72
N MET C 43 -11.74 0.66 -1.55
CA MET C 43 -11.80 1.54 -0.39
C MET C 43 -10.41 2.06 0.03
N LYS C 44 -9.43 1.18 0.08
CA LYS C 44 -8.09 1.60 0.46
C LYS C 44 -7.54 2.58 -0.57
N LEU C 45 -7.73 2.25 -1.85
CA LEU C 45 -7.26 3.11 -2.93
C LEU C 45 -7.96 4.45 -2.95
N LYS C 46 -9.26 4.48 -2.69
CA LYS C 46 -9.97 5.76 -2.69
C LYS C 46 -9.52 6.56 -1.48
N GLY C 47 -9.15 5.85 -0.42
CA GLY C 47 -8.68 6.52 0.78
C GLY C 47 -7.38 7.23 0.42
N MET C 48 -6.49 6.50 -0.26
CA MET C 48 -5.20 7.05 -0.67
C MET C 48 -5.35 8.21 -1.66
N ALA C 49 -6.19 8.04 -2.67
CA ALA C 49 -6.40 9.08 -3.66
C ALA C 49 -6.91 10.36 -2.99
N ALA C 50 -7.73 10.19 -1.96
CA ALA C 50 -8.27 11.33 -1.21
C ALA C 50 -7.16 12.10 -0.49
N ALA C 51 -6.28 11.37 0.17
CA ALA C 51 -5.17 11.98 0.88
C ALA C 51 -4.35 12.76 -0.13
N GLY C 52 -4.20 12.19 -1.32
CA GLY C 52 -3.45 12.86 -2.35
C GLY C 52 -4.15 14.13 -2.79
N ARG C 53 -5.45 14.05 -2.98
CA ARG C 53 -6.21 15.22 -3.42
C ARG C 53 -6.14 16.36 -2.42
N SER C 54 -6.08 16.05 -1.14
CA SER C 54 -6.01 17.11 -0.15
C SER C 54 -4.65 17.81 -0.19
N GLN C 55 -3.76 17.34 -1.06
CA GLN C 55 -2.43 17.91 -1.23
C GLN C 55 -2.20 18.30 -2.68
N GLY C 56 -3.28 18.59 -3.40
CA GLY C 56 -3.16 19.01 -4.80
C GLY C 56 -2.72 17.95 -5.79
N GLN C 57 -2.87 16.67 -5.43
CA GLN C 57 -2.49 15.58 -6.33
C GLN C 57 -3.76 14.93 -6.86
N HIS C 58 -3.90 14.93 -8.17
CA HIS C 58 -5.07 14.34 -8.83
C HIS C 58 -4.75 12.99 -9.47
N LYS C 59 -5.78 12.19 -9.69
CA LYS C 59 -5.65 10.88 -10.31
C LYS C 59 -5.24 11.11 -11.76
N GLN C 60 -4.46 10.19 -12.30
CA GLN C 60 -4.02 10.28 -13.68
C GLN C 60 -5.22 10.21 -14.63
N ARG C 61 -5.32 11.16 -15.54
CA ARG C 61 -6.41 11.17 -16.51
C ARG C 61 -6.10 10.09 -17.56
N ILE C 62 -7.05 9.21 -17.83
CA ILE C 62 -6.81 8.13 -18.79
C ILE C 62 -7.96 7.83 -19.74
N TRP C 63 -7.68 6.87 -20.62
CA TRP C 63 -8.63 6.35 -21.59
C TRP C 63 -8.68 4.86 -21.29
N VAL C 64 -9.88 4.33 -21.05
CA VAL C 64 -10.01 2.90 -20.82
C VAL C 64 -10.53 2.40 -22.14
N ASN C 65 -9.68 1.69 -22.86
CA ASN C 65 -10.01 1.16 -24.17
C ASN C 65 -10.36 -0.32 -24.04
N ILE C 66 -11.56 -0.68 -24.50
CA ILE C 66 -12.04 -2.06 -24.42
C ILE C 66 -12.21 -2.69 -25.80
N SER C 67 -11.51 -3.79 -26.03
CA SER C 67 -11.57 -4.48 -27.33
C SER C 67 -11.24 -5.96 -27.15
N LEU C 68 -11.21 -6.68 -28.27
CA LEU C 68 -10.88 -8.11 -28.23
C LEU C 68 -9.49 -8.30 -27.64
N SER C 69 -8.67 -7.25 -27.69
CA SER C 69 -7.33 -7.30 -27.15
C SER C 69 -7.39 -7.23 -25.62
N GLY C 70 -8.57 -6.94 -25.10
CA GLY C 70 -8.71 -6.84 -23.66
C GLY C 70 -8.84 -5.39 -23.25
N ILE C 71 -8.17 -5.00 -22.17
CA ILE C 71 -8.24 -3.62 -21.71
C ILE C 71 -6.92 -2.89 -21.89
N LYS C 72 -6.99 -1.66 -22.38
CA LYS C 72 -5.80 -0.84 -22.52
C LYS C 72 -6.01 0.40 -21.68
N ILE C 73 -5.06 0.71 -20.80
CA ILE C 73 -5.15 1.91 -20.00
C ILE C 73 -4.20 2.86 -20.72
N ILE C 74 -4.73 3.97 -21.22
CA ILE C 74 -3.91 4.92 -21.95
C ILE C 74 -3.92 6.28 -21.29
N ASP C 75 -2.76 6.93 -21.25
CA ASP C 75 -2.64 8.26 -20.66
C ASP C 75 -3.32 9.22 -21.61
N GLU C 76 -4.24 10.04 -21.07
CA GLU C 76 -4.97 10.97 -21.90
C GLU C 76 -4.07 12.03 -22.53
N LYS C 77 -3.06 12.47 -21.78
CA LYS C 77 -2.14 13.50 -22.25
C LYS C 77 -1.17 13.06 -23.33
N THR C 78 -0.39 12.03 -23.03
CA THR C 78 0.62 11.51 -23.95
C THR C 78 0.14 10.50 -24.98
N GLY C 79 -0.88 9.74 -24.63
CA GLY C 79 -1.37 8.73 -25.55
C GLY C 79 -0.53 7.48 -25.40
N VAL C 80 0.29 7.45 -24.35
CA VAL C 80 1.15 6.31 -24.07
C VAL C 80 0.30 5.19 -23.47
N ILE C 81 0.50 3.96 -23.94
CA ILE C 81 -0.26 2.84 -23.41
C ILE C 81 0.41 2.37 -22.14
N GLU C 82 -0.18 2.75 -21.01
CA GLU C 82 0.34 2.42 -19.70
C GLU C 82 0.22 0.96 -19.37
N HIS C 83 -0.95 0.38 -19.62
CA HIS C 83 -1.17 -1.03 -19.33
C HIS C 83 -2.03 -1.69 -20.38
N GLU C 84 -1.81 -3.00 -20.55
CA GLU C 84 -2.61 -3.75 -21.50
C GLU C 84 -2.85 -5.10 -20.85
N HIS C 85 -4.11 -5.49 -20.73
CA HIS C 85 -4.45 -6.76 -20.10
C HIS C 85 -5.33 -7.56 -21.04
N PRO C 86 -4.80 -8.67 -21.57
CA PRO C 86 -5.54 -9.55 -22.48
C PRO C 86 -6.77 -10.10 -21.77
N VAL C 87 -7.84 -10.34 -22.50
CA VAL C 87 -9.06 -10.88 -21.91
C VAL C 87 -8.82 -12.11 -21.01
N ASN C 88 -7.93 -13.00 -21.43
CA ASN C 88 -7.64 -14.20 -20.67
C ASN C 88 -6.78 -13.95 -19.43
N LYS C 89 -6.59 -12.69 -19.06
CA LYS C 89 -5.81 -12.34 -17.89
C LYS C 89 -6.63 -11.55 -16.89
N ILE C 90 -7.84 -11.18 -17.28
CA ILE C 90 -8.76 -10.44 -16.44
C ILE C 90 -9.70 -11.49 -15.84
N SER C 91 -9.55 -11.76 -14.56
CA SER C 91 -10.35 -12.79 -13.90
C SER C 91 -11.65 -12.32 -13.27
N PHE C 92 -11.69 -11.08 -12.82
CA PHE C 92 -12.88 -10.60 -12.13
C PHE C 92 -13.15 -9.12 -12.41
N ILE C 93 -14.42 -8.81 -12.63
CA ILE C 93 -14.83 -7.43 -12.86
C ILE C 93 -15.59 -7.07 -11.60
N ALA C 94 -15.13 -6.05 -10.88
CA ALA C 94 -15.77 -5.65 -9.64
C ALA C 94 -16.63 -4.43 -9.82
N ARG C 95 -17.85 -4.51 -9.33
CA ARG C 95 -18.78 -3.41 -9.41
C ARG C 95 -18.59 -2.69 -8.06
N ASP C 96 -18.61 -1.36 -8.07
CA ASP C 96 -18.45 -0.62 -6.82
C ASP C 96 -19.81 -0.09 -6.43
N VAL C 97 -20.47 -0.78 -5.50
CA VAL C 97 -21.82 -0.38 -5.08
C VAL C 97 -21.90 0.95 -4.36
N THR C 98 -20.77 1.53 -4.01
CA THR C 98 -20.78 2.81 -3.30
C THR C 98 -20.64 3.99 -4.25
N ASP C 99 -20.33 3.70 -5.51
CA ASP C 99 -20.09 4.75 -6.50
C ASP C 99 -20.67 4.40 -7.88
N ASN C 100 -21.42 5.33 -8.46
CA ASN C 100 -21.99 5.11 -9.80
C ASN C 100 -20.97 5.45 -10.88
N ARG C 101 -19.85 6.05 -10.48
CA ARG C 101 -18.80 6.41 -11.41
C ARG C 101 -17.46 5.77 -11.06
N ALA C 102 -17.51 4.52 -10.63
CA ALA C 102 -16.30 3.79 -10.29
C ALA C 102 -16.53 2.29 -10.42
N PHE C 103 -15.46 1.56 -10.74
CA PHE C 103 -15.51 0.10 -10.86
C PHE C 103 -14.08 -0.34 -10.88
N GLY C 104 -13.85 -1.65 -10.85
CA GLY C 104 -12.49 -2.15 -10.88
C GLY C 104 -12.45 -3.54 -11.46
N TYR C 105 -11.26 -4.06 -11.70
CA TYR C 105 -11.13 -5.39 -12.23
C TYR C 105 -9.82 -6.00 -11.74
N VAL C 106 -9.80 -7.32 -11.62
CA VAL C 106 -8.61 -8.03 -11.17
C VAL C 106 -7.96 -8.65 -12.38
N CYS C 107 -6.64 -8.61 -12.45
CA CYS C 107 -5.95 -9.19 -13.58
C CYS C 107 -4.58 -9.70 -13.17
N GLY C 108 -4.02 -10.55 -14.03
CA GLY C 108 -2.73 -11.14 -13.75
C GLY C 108 -2.86 -12.64 -13.71
N GLY C 109 -1.73 -13.34 -13.75
CA GLY C 109 -1.78 -14.80 -13.70
C GLY C 109 -2.08 -15.25 -12.29
N GLU C 110 -2.26 -16.55 -12.11
CA GLU C 110 -2.54 -17.11 -10.80
C GLU C 110 -1.41 -16.78 -9.81
N GLY C 111 -1.79 -16.30 -8.63
CA GLY C 111 -0.80 -15.97 -7.61
C GLY C 111 -0.20 -14.57 -7.75
N GLN C 112 -0.56 -13.87 -8.82
CA GLN C 112 -0.04 -12.53 -9.06
C GLN C 112 -1.18 -11.62 -9.53
N HIS C 113 -2.21 -11.52 -8.70
CA HIS C 113 -3.38 -10.70 -9.01
C HIS C 113 -3.27 -9.25 -8.59
N GLN C 114 -3.80 -8.35 -9.42
CA GLN C 114 -3.79 -6.93 -9.14
C GLN C 114 -5.17 -6.35 -9.37
N PHE C 115 -5.57 -5.42 -8.53
CA PHE C 115 -6.86 -4.78 -8.67
C PHE C 115 -6.66 -3.38 -9.20
N PHE C 116 -7.26 -3.10 -10.36
CA PHE C 116 -7.17 -1.79 -10.97
C PHE C 116 -8.47 -1.06 -10.68
N ALA C 117 -8.39 0.00 -9.89
CA ALA C 117 -9.58 0.78 -9.54
C ALA C 117 -9.72 1.93 -10.51
N ILE C 118 -10.90 2.08 -11.08
CA ILE C 118 -11.13 3.12 -12.08
C ILE C 118 -12.31 4.05 -11.80
N LYS C 119 -12.08 5.33 -12.02
CA LYS C 119 -13.11 6.36 -11.82
C LYS C 119 -13.53 6.79 -13.23
N THR C 120 -14.74 6.41 -13.62
CA THR C 120 -15.23 6.76 -14.95
C THR C 120 -15.67 8.23 -15.04
N GLY C 121 -15.42 8.82 -16.21
CA GLY C 121 -15.78 10.21 -16.43
C GLY C 121 -17.29 10.32 -16.39
N GLN C 122 -17.96 9.31 -16.92
CA GLN C 122 -19.41 9.23 -16.94
C GLN C 122 -19.83 8.03 -16.06
N GLN C 123 -21.00 7.47 -16.30
CA GLN C 123 -21.44 6.35 -15.50
C GLN C 123 -20.57 5.13 -15.73
N ALA C 124 -20.37 4.33 -14.69
CA ALA C 124 -19.54 3.15 -14.78
C ALA C 124 -20.25 1.94 -15.37
N GLU C 125 -21.54 1.81 -15.08
CA GLU C 125 -22.32 0.68 -15.54
C GLU C 125 -22.14 0.33 -17.02
N PRO C 126 -22.40 1.28 -17.95
CA PRO C 126 -22.23 0.97 -19.37
C PRO C 126 -20.86 0.38 -19.70
N LEU C 127 -19.88 0.72 -18.87
CA LEU C 127 -18.53 0.21 -19.06
C LEU C 127 -18.45 -1.22 -18.53
N VAL C 128 -19.02 -1.45 -17.36
CA VAL C 128 -19.04 -2.78 -16.76
C VAL C 128 -19.78 -3.75 -17.67
N VAL C 129 -20.86 -3.26 -18.27
CA VAL C 129 -21.65 -4.09 -19.17
C VAL C 129 -20.82 -4.49 -20.38
N ASP C 130 -20.15 -3.51 -20.97
CA ASP C 130 -19.31 -3.79 -22.13
C ASP C 130 -18.35 -4.93 -21.80
N LEU C 131 -17.65 -4.79 -20.68
CA LEU C 131 -16.70 -5.81 -20.29
C LEU C 131 -17.36 -7.18 -20.16
N LYS C 132 -18.59 -7.18 -19.64
CA LYS C 132 -19.32 -8.43 -19.48
C LYS C 132 -19.59 -9.01 -20.86
N ASP C 133 -20.14 -8.20 -21.75
CA ASP C 133 -20.42 -8.69 -23.10
C ASP C 133 -19.14 -9.16 -23.77
N LEU C 134 -18.07 -8.40 -23.61
CA LEU C 134 -16.80 -8.79 -24.23
C LEU C 134 -16.44 -10.20 -23.81
N PHE C 135 -16.39 -10.46 -22.51
CA PHE C 135 -16.03 -11.78 -22.02
C PHE C 135 -17.01 -12.82 -22.55
N GLN C 136 -18.25 -12.39 -22.73
CA GLN C 136 -19.28 -13.27 -23.23
C GLN C 136 -19.04 -13.64 -24.70
N VAL C 137 -18.72 -12.66 -25.53
CA VAL C 137 -18.47 -12.93 -26.93
C VAL C 137 -17.27 -13.83 -27.09
N ILE C 138 -16.14 -13.42 -26.54
CA ILE C 138 -14.90 -14.20 -26.60
C ILE C 138 -15.25 -15.65 -26.31
N TYR C 139 -16.04 -15.84 -25.27
CA TYR C 139 -16.47 -17.16 -24.84
C TYR C 139 -17.30 -17.91 -25.88
N ASN C 140 -18.36 -17.27 -26.38
CA ASN C 140 -19.22 -17.90 -27.39
C ASN C 140 -18.40 -18.38 -28.58
N VAL C 141 -17.65 -17.47 -29.18
CA VAL C 141 -16.82 -17.81 -30.33
C VAL C 141 -15.99 -19.07 -30.07
N LYS C 142 -15.20 -19.04 -29.00
CA LYS C 142 -14.36 -20.19 -28.68
C LYS C 142 -15.16 -21.48 -28.56
N LYS C 143 -16.33 -21.40 -27.92
CA LYS C 143 -17.19 -22.58 -27.75
C LYS C 143 -17.57 -23.17 -29.11
N LYS C 144 -18.10 -22.35 -30.00
CA LYS C 144 -18.49 -22.81 -31.32
C LYS C 144 -17.33 -23.52 -31.99
N GLU C 145 -16.23 -22.80 -32.16
CA GLU C 145 -15.02 -23.34 -32.79
C GLU C 145 -14.71 -24.73 -32.25
N GLU C 146 -14.92 -24.92 -30.95
CA GLU C 146 -14.67 -26.21 -30.32
C GLU C 146 -15.63 -27.27 -30.85
N ASP C 147 -16.93 -26.94 -30.81
CA ASP C 147 -17.96 -27.85 -31.29
C ASP C 147 -17.77 -28.17 -32.77
N LYS C 148 -16.96 -27.36 -33.45
CA LYS C 148 -16.69 -27.56 -34.88
C LYS C 148 -15.54 -28.57 -35.01
N LYS C 149 -14.63 -28.53 -34.04
CA LYS C 149 -13.47 -29.44 -33.98
C LYS C 149 -13.94 -30.69 -33.22
N LYS C 150 -15.21 -31.03 -33.36
CA LYS C 150 -15.80 -32.19 -32.69
C LYS C 150 -16.58 -33.04 -33.69
N ASN D 1 7.45 9.43 13.20
CA ASN D 1 6.34 8.60 12.66
C ASN D 1 5.66 7.75 13.72
N GLY D 2 5.47 6.47 13.45
CA GLY D 2 4.83 5.59 14.41
C GLY D 2 5.80 4.98 15.41
N TYR D 3 5.27 4.45 16.53
CA TYR D 3 6.14 3.83 17.53
C TYR D 3 5.44 2.74 18.35
N GLU D 4 6.24 1.78 18.81
CA GLU D 4 5.72 0.64 19.56
C GLU D 4 5.73 0.82 21.07
N ASN D 5 4.92 0.00 21.74
CA ASN D 5 4.81 0.04 23.19
C ASN D 5 5.80 -0.94 23.84
N PRO D 6 6.82 -0.39 24.53
CA PRO D 6 7.87 -1.15 25.20
C PRO D 6 7.32 -2.24 26.10
N THR D 7 6.19 -1.95 26.75
CA THR D 7 5.58 -2.89 27.67
C THR D 7 4.44 -3.73 27.09
N TYR D 8 4.43 -3.93 25.78
CA TYR D 8 3.37 -4.72 25.15
C TYR D 8 3.52 -6.21 25.40
N LYS D 9 2.37 -6.87 25.56
CA LYS D 9 2.24 -8.33 25.79
C LYS D 9 2.00 -8.63 27.26
N ASN E 1 29.15 -4.61 -11.61
CA ASN E 1 27.82 -4.45 -12.28
C ASN E 1 26.66 -4.79 -11.34
N GLY E 2 25.70 -5.59 -11.83
CA GLY E 2 24.57 -5.98 -11.01
C GLY E 2 24.84 -7.19 -10.12
N TYR E 3 24.00 -7.40 -9.10
CA TYR E 3 24.18 -8.55 -8.21
C TYR E 3 22.88 -9.02 -7.55
N GLU E 4 22.82 -10.32 -7.26
CA GLU E 4 21.64 -10.93 -6.68
C GLU E 4 21.62 -10.99 -5.18
N ASN E 5 20.42 -11.20 -4.62
CA ASN E 5 20.24 -11.28 -3.19
C ASN E 5 20.31 -12.72 -2.70
N PRO E 6 21.38 -13.06 -1.97
CA PRO E 6 21.62 -14.39 -1.43
C PRO E 6 20.43 -14.98 -0.69
N THR E 7 19.69 -14.12 0.01
CA THR E 7 18.53 -14.56 0.78
C THR E 7 17.19 -14.37 0.08
N TYR E 8 17.18 -14.37 -1.26
CA TYR E 8 15.94 -14.19 -1.99
C TYR E 8 15.05 -15.43 -1.97
N LYS E 9 13.74 -15.20 -1.90
CA LYS E 9 12.70 -16.24 -1.90
C LYS E 9 12.18 -16.51 -0.48
N ASN F 1 -23.96 -7.43 -8.83
CA ASN F 1 -22.65 -7.04 -8.21
C ASN F 1 -21.46 -7.36 -9.12
N GLY F 2 -20.43 -8.00 -8.57
CA GLY F 2 -19.27 -8.33 -9.37
C GLY F 2 -19.40 -9.66 -10.12
N TYR F 3 -18.53 -9.89 -11.10
CA TYR F 3 -18.59 -11.15 -11.86
C TYR F 3 -17.25 -11.55 -12.46
N GLU F 4 -17.05 -12.86 -12.61
CA GLU F 4 -15.80 -13.39 -13.15
C GLU F 4 -15.78 -13.62 -14.63
N ASN F 5 -14.57 -13.74 -15.18
CA ASN F 5 -14.38 -13.96 -16.61
C ASN F 5 -14.29 -15.46 -16.92
N PRO F 6 -15.32 -15.98 -17.59
CA PRO F 6 -15.42 -17.40 -17.99
C PRO F 6 -14.17 -17.92 -18.67
N THR F 7 -13.53 -17.07 -19.47
CA THR F 7 -12.35 -17.45 -20.20
C THR F 7 -11.02 -17.05 -19.56
N TYR F 8 -11.00 -16.86 -18.24
CA TYR F 8 -9.77 -16.47 -17.56
C TYR F 8 -8.76 -17.61 -17.45
N LYS F 9 -7.47 -17.26 -17.56
CA LYS F 9 -6.32 -18.17 -17.47
C LYS F 9 -5.80 -18.57 -18.84
#